data_6N83
#
_entry.id   6N83
#
_cell.length_a   111.080
_cell.length_b   111.080
_cell.length_c   76.730
_cell.angle_alpha   90.00
_cell.angle_beta   90.00
_cell.angle_gamma   90.00
#
_symmetry.space_group_name_H-M   'P 41 21 2'
#
loop_
_entity.id
_entity.type
_entity.pdbx_description
1 polymer 'Farnesyl pyrophosphate synthase'
2 non-polymer '[(1R)-1-{[6-(3-chloro-4-methylphenyl)thieno[2,3-d]pyrimidin-4-yl]amino}-2-(3-fluorophenyl)ethyl]phosphonic acid'
3 non-polymer 'PHOSPHATE ION'
4 non-polymer 'CHLORIDE ION'
5 water water
#
_entity_poly.entity_id   1
_entity_poly.type   'polypeptide(L)'
_entity_poly.pdbx_seq_one_letter_code
;MGSSHHHHHHSSGRENLYFQGHMNGDQNSDVYAQEKQDFVQHFSQIVRVLTEDEMGHPEIGDAIARLKEVLEYNAIGGKY
NRGLTVVVAFRELVEPRKQDADSLQRAWTVGWCVELLQAFFLVADDIMDSSLTRRGQICWYQKPGVGLDAINDANLLEAC
IYRLLKLYCREQPYYLNLIELFLQSSYQTEIGQTLDLLTAPQGNVDLVRFTEKRYKSIVKYKTAFYSFYLPIAAAMYMAG
IDGEKEHANAKKILLEMGEFFQIQDDYLDLFGDPSVTGKIGTDIQDNKCSWLVVQCLQRATPEQYQILKENYGQKEAEKV
ARVKALYEELDLPAVFLQYEEDSYSHIMALIEQYAAPLPPAVFLGLARKIYKRRK
;
_entity_poly.pdbx_strand_id   F
#
loop_
_chem_comp.id
_chem_comp.type
_chem_comp.name
_chem_comp.formula
CL non-polymer 'CHLORIDE ION' 'Cl -1'
PO4 non-polymer 'PHOSPHATE ION' 'O4 P -3'
YL6 non-polymer '[(1R)-1-{[6-(3-chloro-4-methylphenyl)thieno[2,3-d]pyrimidin-4-yl]amino}-2-(3-fluorophenyl)ethyl]phosphonic acid' 'C21 H18 Cl F N3 O3 P S'
#
# COMPACT_ATOMS: atom_id res chain seq x y z
N SER A 29 2.30 4.61 20.60
CA SER A 29 3.07 3.33 20.43
C SER A 29 2.42 2.17 21.22
N ASP A 30 1.98 2.45 22.46
CA ASP A 30 1.27 1.48 23.33
C ASP A 30 -0.27 1.63 23.20
N VAL A 31 -0.73 2.82 22.78
CA VAL A 31 -2.16 3.13 22.59
C VAL A 31 -2.60 2.79 21.16
N TYR A 32 -1.71 3.04 20.18
CA TYR A 32 -1.93 2.75 18.74
C TYR A 32 -2.01 1.23 18.47
N ALA A 33 -1.22 0.44 19.26
CA ALA A 33 -1.02 -1.03 19.08
C ALA A 33 -2.00 -1.86 19.96
N GLN A 34 -2.80 -1.10 20.79
CA GLN A 34 -3.99 -1.64 21.46
C GLN A 34 -5.15 -1.72 20.47
N GLU A 35 -5.36 -0.58 19.79
CA GLU A 35 -6.33 -0.34 18.71
C GLU A 35 -6.13 -1.37 17.57
N LYS A 36 -4.88 -1.86 17.42
CA LYS A 36 -4.56 -2.92 16.46
C LYS A 36 -5.22 -4.25 16.85
N GLN A 37 -5.21 -4.59 18.13
CA GLN A 37 -5.78 -5.83 18.62
C GLN A 37 -7.30 -5.90 18.30
N ASP A 38 -8.05 -4.81 18.58
CA ASP A 38 -9.50 -4.81 18.31
C ASP A 38 -9.73 -4.94 16.80
N PHE A 39 -8.84 -4.34 15.99
CA PHE A 39 -8.98 -4.38 14.55
C PHE A 39 -9.02 -5.85 14.08
N VAL A 40 -8.04 -6.63 14.52
CA VAL A 40 -7.87 -8.01 14.10
C VAL A 40 -8.95 -8.90 14.69
N GLN A 41 -9.55 -8.47 15.78
CA GLN A 41 -10.60 -9.22 16.46
C GLN A 41 -11.84 -9.26 15.50
N HIS A 42 -12.01 -8.11 14.77
CA HIS A 42 -13.24 -7.86 14.06
C HIS A 42 -13.28 -8.75 12.81
N PHE A 43 -12.09 -9.29 12.50
CA PHE A 43 -11.88 -10.04 11.30
C PHE A 43 -12.80 -11.25 11.22
N SER A 44 -13.01 -11.94 12.35
CA SER A 44 -13.81 -13.16 12.39
C SER A 44 -15.25 -12.92 11.92
N GLN A 45 -15.80 -11.80 12.41
CA GLN A 45 -17.11 -11.31 12.04
C GLN A 45 -17.13 -10.93 10.53
N ILE A 46 -16.06 -10.28 10.03
CA ILE A 46 -15.93 -9.96 8.60
C ILE A 46 -16.13 -11.26 7.82
N VAL A 47 -15.46 -12.31 8.28
CA VAL A 47 -15.41 -13.55 7.54
C VAL A 47 -16.76 -14.28 7.63
N ARG A 48 -17.37 -14.25 8.80
CA ARG A 48 -18.64 -14.89 9.08
C ARG A 48 -19.71 -14.37 8.12
N VAL A 49 -19.83 -13.04 8.04
CA VAL A 49 -20.88 -12.43 7.22
C VAL A 49 -20.54 -12.64 5.73
N LEU A 50 -19.26 -12.72 5.37
CA LEU A 50 -18.93 -12.92 3.95
C LEU A 50 -19.11 -14.38 3.53
N THR A 51 -19.43 -15.28 4.47
CA THR A 51 -19.44 -16.69 4.14
C THR A 51 -20.73 -17.35 4.63
N GLU A 52 -21.86 -16.64 4.60
CA GLU A 52 -23.20 -17.24 4.78
C GLU A 52 -23.71 -17.83 3.46
N GLY A 56 -28.76 -19.23 2.69
CA GLY A 56 -29.57 -20.41 2.41
C GLY A 56 -29.39 -20.88 0.98
N HIS A 57 -28.15 -20.83 0.48
CA HIS A 57 -27.74 -21.27 -0.89
C HIS A 57 -26.78 -22.46 -0.79
N PRO A 58 -27.32 -23.69 -0.62
N PRO A 58 -27.26 -23.69 -0.52
CA PRO A 58 -26.52 -24.87 -0.29
CA PRO A 58 -26.38 -24.85 -0.27
C PRO A 58 -25.35 -25.17 -1.24
C PRO A 58 -25.47 -25.28 -1.43
N GLU A 59 -25.63 -25.31 -2.54
N GLU A 59 -25.94 -25.03 -2.65
CA GLU A 59 -24.66 -25.90 -3.46
CA GLU A 59 -25.28 -25.36 -3.92
C GLU A 59 -23.65 -24.87 -4.01
C GLU A 59 -23.80 -24.86 -3.96
N ILE A 60 -23.61 -23.62 -3.53
CA ILE A 60 -22.36 -22.87 -3.68
C ILE A 60 -21.50 -23.01 -2.43
N GLY A 61 -21.92 -23.81 -1.44
CA GLY A 61 -21.22 -23.93 -0.16
C GLY A 61 -19.74 -24.15 -0.33
N ASP A 62 -19.37 -24.96 -1.32
CA ASP A 62 -18.02 -25.35 -1.53
C ASP A 62 -17.19 -24.13 -2.02
N ALA A 63 -17.79 -23.28 -2.84
CA ALA A 63 -17.11 -22.06 -3.30
C ALA A 63 -16.92 -21.12 -2.13
N ILE A 64 -17.93 -21.06 -1.26
CA ILE A 64 -17.87 -20.16 -0.16
C ILE A 64 -16.80 -20.62 0.82
N ALA A 65 -16.58 -21.93 0.96
CA ALA A 65 -15.53 -22.45 1.85
C ALA A 65 -14.16 -22.08 1.25
N ARG A 66 -14.06 -22.09 -0.08
CA ARG A 66 -12.84 -21.69 -0.68
C ARG A 66 -12.60 -20.18 -0.46
N LEU A 67 -13.68 -19.39 -0.52
CA LEU A 67 -13.59 -17.96 -0.25
C LEU A 67 -13.01 -17.72 1.16
N LYS A 68 -13.42 -18.54 2.11
CA LYS A 68 -12.94 -18.44 3.44
C LYS A 68 -11.43 -18.68 3.57
N GLU A 69 -10.92 -19.69 2.87
CA GLU A 69 -9.50 -19.98 2.95
C GLU A 69 -8.74 -18.77 2.38
N VAL A 70 -9.23 -18.28 1.26
CA VAL A 70 -8.57 -17.18 0.54
C VAL A 70 -8.45 -15.96 1.48
N LEU A 71 -9.54 -15.68 2.22
CA LEU A 71 -9.59 -14.53 3.09
C LEU A 71 -8.61 -14.72 4.25
N GLU A 72 -8.69 -15.89 4.90
CA GLU A 72 -7.87 -16.25 6.06
C GLU A 72 -6.37 -16.20 5.71
N TYR A 73 -5.98 -16.72 4.54
CA TYR A 73 -4.59 -16.78 4.19
C TYR A 73 -4.05 -15.39 3.80
N ASN A 74 -4.85 -14.60 3.07
CA ASN A 74 -4.30 -13.42 2.36
C ASN A 74 -4.60 -12.08 3.05
N ALA A 75 -5.67 -11.99 3.83
CA ALA A 75 -6.03 -10.74 4.51
C ALA A 75 -5.39 -10.62 5.90
N ILE A 76 -4.95 -11.72 6.51
CA ILE A 76 -4.31 -11.75 7.78
C ILE A 76 -2.80 -11.86 7.59
N GLY A 77 -2.06 -11.18 8.48
CA GLY A 77 -0.61 -11.38 8.74
C GLY A 77 0.24 -10.19 8.35
N GLY A 78 -0.37 -9.12 7.82
CA GLY A 78 0.31 -7.82 7.71
C GLY A 78 0.32 -7.07 9.02
N LYS A 79 0.70 -5.78 8.99
CA LYS A 79 0.66 -4.87 10.16
C LYS A 79 -0.61 -4.00 10.21
N TYR A 80 -1.48 -4.06 9.20
CA TYR A 80 -2.84 -3.46 9.12
C TYR A 80 -2.82 -1.89 9.21
N ASN A 81 -1.71 -1.26 8.82
CA ASN A 81 -1.52 0.20 8.85
C ASN A 81 -2.61 0.91 8.02
N ARG A 82 -2.95 0.37 6.87
CA ARG A 82 -3.86 1.06 6.02
C ARG A 82 -5.28 1.01 6.63
N GLY A 83 -5.68 -0.17 7.10
CA GLY A 83 -7.03 -0.40 7.65
C GLY A 83 -7.23 0.38 8.94
N LEU A 84 -6.20 0.36 9.77
CA LEU A 84 -6.24 0.98 11.01
C LEU A 84 -6.35 2.50 10.87
N THR A 85 -5.72 3.04 9.82
CA THR A 85 -5.78 4.44 9.55
C THR A 85 -7.24 4.88 9.38
N VAL A 86 -8.11 4.06 8.77
CA VAL A 86 -9.52 4.38 8.68
C VAL A 86 -10.09 4.50 10.08
N VAL A 87 -9.65 3.66 10.98
CA VAL A 87 -10.37 3.63 12.26
C VAL A 87 -9.94 4.82 13.11
N VAL A 88 -8.63 5.06 13.17
CA VAL A 88 -8.03 6.11 13.98
C VAL A 88 -8.58 7.45 13.47
N ALA A 89 -8.60 7.64 12.14
CA ALA A 89 -9.00 8.90 11.54
C ALA A 89 -10.48 9.14 11.80
N PHE A 90 -11.29 8.10 11.71
CA PHE A 90 -12.69 8.25 11.90
C PHE A 90 -12.97 8.74 13.31
N ARG A 91 -12.23 8.20 14.28
CA ARG A 91 -12.37 8.56 15.67
C ARG A 91 -11.96 10.02 15.89
N GLU A 92 -10.92 10.50 15.20
CA GLU A 92 -10.45 11.86 15.30
C GLU A 92 -11.41 12.85 14.60
N LEU A 93 -12.17 12.43 13.60
CA LEU A 93 -12.91 13.38 12.77
C LEU A 93 -14.39 13.54 13.17
N VAL A 94 -14.95 12.58 13.91
CA VAL A 94 -16.36 12.60 14.28
C VAL A 94 -16.52 13.15 15.71
N GLU A 95 -17.64 13.84 15.98
CA GLU A 95 -17.99 14.33 17.36
C GLU A 95 -18.38 13.11 18.20
N PRO A 96 -17.81 12.93 19.41
CA PRO A 96 -17.89 11.63 20.09
C PRO A 96 -19.35 11.11 20.34
N ARG A 97 -20.29 12.07 20.44
CA ARG A 97 -21.73 11.81 20.63
C ARG A 97 -22.41 11.69 19.26
N LYS A 98 -21.68 11.21 18.24
CA LYS A 98 -22.21 10.53 16.99
C LYS A 98 -21.41 9.24 16.71
N GLN A 99 -20.68 8.72 17.72
CA GLN A 99 -19.89 7.48 17.64
C GLN A 99 -20.57 6.37 18.45
N ASP A 100 -21.69 5.84 17.92
CA ASP A 100 -22.42 4.71 18.55
C ASP A 100 -21.84 3.37 18.04
N ALA A 101 -22.35 2.25 18.57
CA ALA A 101 -21.74 0.94 18.30
C ALA A 101 -21.76 0.64 16.79
N ASP A 102 -22.84 1.06 16.13
CA ASP A 102 -23.04 0.85 14.73
C ASP A 102 -22.04 1.69 13.94
N SER A 103 -21.83 2.94 14.34
CA SER A 103 -20.84 3.82 13.74
C SER A 103 -19.46 3.15 13.76
N LEU A 104 -19.05 2.67 14.94
CA LEU A 104 -17.72 2.13 15.05
C LEU A 104 -17.60 0.82 14.24
N GLN A 105 -18.62 -0.04 14.33
CA GLN A 105 -18.73 -1.21 13.46
C GLN A 105 -18.41 -0.88 11.97
N ARG A 106 -19.00 0.21 11.45
CA ARG A 106 -18.82 0.58 10.02
C ARG A 106 -17.41 1.06 9.78
N ALA A 107 -16.80 1.78 10.75
CA ALA A 107 -15.42 2.18 10.62
C ALA A 107 -14.50 0.94 10.58
N TRP A 108 -14.69 -0.04 11.47
CA TRP A 108 -13.89 -1.31 11.46
C TRP A 108 -14.00 -2.00 10.08
N THR A 109 -15.25 -2.07 9.60
CA THR A 109 -15.58 -2.77 8.37
C THR A 109 -14.93 -2.06 7.17
N VAL A 110 -14.99 -0.73 7.10
CA VAL A 110 -14.40 -0.03 5.95
C VAL A 110 -12.87 -0.11 6.04
N GLY A 111 -12.29 -0.08 7.27
CA GLY A 111 -10.89 -0.46 7.48
C GLY A 111 -10.55 -1.82 6.86
N TRP A 112 -11.36 -2.83 7.16
CA TRP A 112 -11.11 -4.13 6.63
C TRP A 112 -11.29 -4.11 5.08
N CYS A 113 -12.18 -3.25 4.57
CA CYS A 113 -12.31 -3.12 3.10
C CYS A 113 -10.97 -2.68 2.48
N VAL A 114 -10.31 -1.72 3.11
CA VAL A 114 -8.98 -1.26 2.63
C VAL A 114 -7.97 -2.42 2.68
N GLU A 115 -8.04 -3.23 3.73
CA GLU A 115 -7.11 -4.38 3.83
C GLU A 115 -7.43 -5.42 2.73
N LEU A 116 -8.70 -5.62 2.41
CA LEU A 116 -9.09 -6.53 1.29
C LEU A 116 -8.62 -6.02 -0.08
N LEU A 117 -8.74 -4.71 -0.31
CA LEU A 117 -8.23 -4.17 -1.54
C LEU A 117 -6.74 -4.49 -1.62
N GLN A 118 -6.05 -4.33 -0.49
CA GLN A 118 -4.66 -4.56 -0.56
C GLN A 118 -4.32 -6.04 -0.80
N ALA A 119 -5.07 -6.97 -0.19
CA ALA A 119 -4.90 -8.39 -0.37
C ALA A 119 -5.10 -8.79 -1.83
N PHE A 120 -6.12 -8.19 -2.48
CA PHE A 120 -6.38 -8.35 -3.87
C PHE A 120 -5.15 -7.97 -4.70
N PHE A 121 -4.60 -6.79 -4.43
CA PHE A 121 -3.43 -6.36 -5.20
C PHE A 121 -2.23 -7.27 -4.95
N LEU A 122 -2.02 -7.69 -3.70
CA LEU A 122 -0.80 -8.47 -3.37
C LEU A 122 -0.86 -9.85 -4.03
N VAL A 123 -2.02 -10.52 -3.96
CA VAL A 123 -2.12 -11.83 -4.48
C VAL A 123 -1.82 -11.84 -5.99
N ALA A 124 -2.39 -10.88 -6.72
CA ALA A 124 -2.23 -10.72 -8.12
C ALA A 124 -0.80 -10.27 -8.44
N ASP A 125 -0.26 -9.35 -7.66
CA ASP A 125 1.10 -8.86 -7.88
C ASP A 125 2.16 -9.98 -7.75
N ASP A 126 1.94 -10.94 -6.82
CA ASP A 126 2.91 -11.99 -6.55
C ASP A 126 2.91 -12.97 -7.73
N ILE A 127 1.74 -13.14 -8.33
CA ILE A 127 1.65 -13.98 -9.56
C ILE A 127 2.43 -13.30 -10.70
N MET A 128 2.14 -12.01 -10.90
CA MET A 128 2.77 -11.28 -11.99
C MET A 128 4.27 -11.20 -11.87
N ASP A 129 4.79 -10.98 -10.68
CA ASP A 129 6.25 -10.87 -10.49
C ASP A 129 6.92 -12.22 -10.31
N SER A 130 6.16 -13.31 -10.21
CA SER A 130 6.73 -14.63 -9.87
C SER A 130 7.43 -14.61 -8.50
N SER A 131 6.81 -14.02 -7.50
CA SER A 131 7.33 -14.03 -6.15
C SER A 131 7.14 -15.42 -5.52
N LEU A 132 7.99 -15.68 -4.53
CA LEU A 132 8.08 -16.96 -3.85
C LEU A 132 7.39 -16.90 -2.47
N THR A 133 7.67 -15.79 -1.74
CA THR A 133 7.10 -15.59 -0.42
C THR A 133 6.54 -14.15 -0.29
N ARG A 134 5.71 -14.04 0.74
CA ARG A 134 4.95 -12.84 1.12
C ARG A 134 4.65 -12.90 2.64
N ARG A 135 5.02 -11.85 3.37
CA ARG A 135 4.70 -11.76 4.83
C ARG A 135 5.29 -13.00 5.50
N GLY A 136 6.46 -13.45 5.05
CA GLY A 136 7.14 -14.60 5.60
C GLY A 136 6.73 -15.97 5.06
N GLN A 137 5.66 -16.11 4.28
CA GLN A 137 5.20 -17.44 3.95
C GLN A 137 5.00 -17.58 2.43
N ILE A 138 4.76 -18.81 2.03
CA ILE A 138 4.61 -19.16 0.65
C ILE A 138 3.46 -18.33 0.08
N CYS A 139 3.70 -17.66 -1.05
CA CYS A 139 2.68 -16.92 -1.71
C CYS A 139 1.51 -17.85 -2.03
N TRP A 140 0.30 -17.33 -1.89
CA TRP A 140 -0.93 -18.10 -2.10
C TRP A 140 -0.86 -18.90 -3.44
N TYR A 141 -0.46 -18.26 -4.54
CA TYR A 141 -0.51 -18.91 -5.84
C TYR A 141 0.49 -20.06 -5.92
N GLN A 142 1.58 -20.01 -5.12
CA GLN A 142 2.62 -21.06 -5.12
C GLN A 142 2.18 -22.27 -4.31
N LYS A 143 1.01 -22.21 -3.68
CA LYS A 143 0.56 -23.32 -2.82
C LYS A 143 0.03 -24.45 -3.69
N PRO A 144 0.35 -25.71 -3.36
CA PRO A 144 -0.15 -26.88 -4.10
C PRO A 144 -1.67 -26.81 -4.30
N GLY A 145 -2.15 -27.05 -5.51
CA GLY A 145 -3.62 -26.95 -5.85
C GLY A 145 -4.16 -25.54 -6.06
N VAL A 146 -3.34 -24.50 -5.95
CA VAL A 146 -3.91 -23.19 -6.21
C VAL A 146 -3.43 -22.74 -7.59
N GLY A 147 -2.13 -22.48 -7.74
CA GLY A 147 -1.62 -21.97 -9.00
C GLY A 147 -2.40 -20.73 -9.51
N LEU A 148 -2.69 -20.75 -10.82
CA LEU A 148 -3.29 -19.67 -11.52
C LEU A 148 -4.78 -19.47 -11.16
N ASP A 149 -5.36 -20.42 -10.42
CA ASP A 149 -6.67 -20.20 -9.83
C ASP A 149 -6.65 -18.96 -8.91
N ALA A 150 -5.45 -18.57 -8.45
CA ALA A 150 -5.30 -17.40 -7.59
C ALA A 150 -5.79 -16.14 -8.29
N ILE A 151 -5.94 -16.19 -9.60
CA ILE A 151 -6.44 -15.03 -10.32
C ILE A 151 -7.91 -14.77 -9.94
N ASN A 152 -8.69 -15.83 -9.94
CA ASN A 152 -10.08 -15.78 -9.52
C ASN A 152 -10.14 -15.39 -8.03
N ASP A 153 -9.32 -16.06 -7.19
CA ASP A 153 -9.31 -15.79 -5.77
C ASP A 153 -9.06 -14.28 -5.55
N ALA A 154 -8.15 -13.70 -6.32
CA ALA A 154 -7.86 -12.26 -6.10
C ALA A 154 -9.09 -11.43 -6.46
N ASN A 155 -9.73 -11.80 -7.58
CA ASN A 155 -10.94 -11.14 -8.02
C ASN A 155 -12.01 -11.19 -6.91
N LEU A 156 -12.17 -12.34 -6.26
CA LEU A 156 -13.11 -12.46 -5.14
C LEU A 156 -12.77 -11.51 -3.98
N LEU A 157 -11.47 -11.36 -3.71
CA LEU A 157 -11.08 -10.49 -2.59
C LEU A 157 -11.61 -9.07 -2.87
N GLU A 158 -11.48 -8.68 -4.13
CA GLU A 158 -11.91 -7.36 -4.61
C GLU A 158 -13.44 -7.26 -4.45
N ALA A 159 -14.12 -8.34 -4.84
CA ALA A 159 -15.57 -8.33 -4.82
C ALA A 159 -16.11 -8.16 -3.38
N CYS A 160 -15.37 -8.71 -2.42
CA CYS A 160 -15.75 -8.77 -1.03
C CYS A 160 -15.87 -7.35 -0.47
N ILE A 161 -15.03 -6.45 -0.96
CA ILE A 161 -15.12 -5.07 -0.58
C ILE A 161 -16.58 -4.58 -0.74
N TYR A 162 -17.19 -4.82 -1.91
CA TYR A 162 -18.44 -4.15 -2.25
C TYR A 162 -19.57 -4.92 -1.59
N ARG A 163 -19.36 -6.22 -1.35
CA ARG A 163 -20.37 -6.94 -0.52
C ARG A 163 -20.43 -6.28 0.88
N LEU A 164 -19.25 -6.00 1.47
CA LEU A 164 -19.15 -5.45 2.83
C LEU A 164 -19.73 -4.05 2.83
N LEU A 165 -19.44 -3.25 1.81
CA LEU A 165 -20.00 -1.90 1.80
C LEU A 165 -21.54 -1.95 1.76
N LYS A 166 -22.06 -2.89 0.99
CA LYS A 166 -23.48 -3.03 0.86
C LYS A 166 -24.08 -3.50 2.18
N LEU A 167 -23.46 -4.50 2.80
CA LEU A 167 -24.00 -5.10 4.03
C LEU A 167 -24.04 -4.08 5.18
N TYR A 168 -23.05 -3.21 5.28
CA TYR A 168 -22.92 -2.35 6.41
C TYR A 168 -23.19 -0.87 6.13
N CYS A 169 -23.13 -0.38 4.89
CA CYS A 169 -23.18 1.06 4.68
C CYS A 169 -24.29 1.50 3.72
N ARG A 170 -25.12 0.56 3.26
CA ARG A 170 -26.00 0.86 2.12
C ARG A 170 -27.01 1.94 2.51
N GLU A 171 -27.28 2.14 3.81
CA GLU A 171 -28.33 3.08 4.21
C GLU A 171 -27.70 4.42 4.60
N GLN A 172 -26.37 4.51 4.58
CA GLN A 172 -25.67 5.70 5.00
C GLN A 172 -25.59 6.68 3.85
N PRO A 173 -25.61 8.00 4.07
CA PRO A 173 -25.50 8.95 2.96
C PRO A 173 -24.16 8.95 2.21
N TYR A 174 -23.13 8.29 2.74
CA TYR A 174 -21.78 8.31 2.14
C TYR A 174 -21.56 7.05 1.28
N TYR A 175 -22.61 6.24 1.13
CA TYR A 175 -22.51 4.93 0.49
C TYR A 175 -21.86 5.01 -0.91
N LEU A 176 -22.49 5.73 -1.81
CA LEU A 176 -22.03 5.89 -3.16
C LEU A 176 -20.62 6.50 -3.18
N ASN A 177 -20.37 7.49 -2.33
CA ASN A 177 -19.03 8.08 -2.20
C ASN A 177 -17.95 7.02 -1.88
N LEU A 178 -18.26 6.06 -0.99
CA LEU A 178 -17.26 5.06 -0.65
C LEU A 178 -17.08 4.10 -1.83
N ILE A 179 -18.16 3.71 -2.49
CA ILE A 179 -18.05 2.82 -3.66
C ILE A 179 -17.13 3.50 -4.70
N GLU A 180 -17.42 4.75 -5.05
CA GLU A 180 -16.62 5.44 -6.03
C GLU A 180 -15.14 5.52 -5.58
N LEU A 181 -14.91 5.78 -4.30
CA LEU A 181 -13.57 5.92 -3.76
C LEU A 181 -12.75 4.62 -3.93
N PHE A 182 -13.35 3.49 -3.59
CA PHE A 182 -12.68 2.27 -3.74
C PHE A 182 -12.41 1.93 -5.22
N LEU A 183 -13.43 2.11 -6.08
CA LEU A 183 -13.30 1.89 -7.51
C LEU A 183 -12.20 2.80 -8.06
N GLN A 184 -12.21 4.07 -7.71
CA GLN A 184 -11.20 4.94 -8.25
C GLN A 184 -9.81 4.48 -7.75
N SER A 185 -9.74 4.03 -6.47
CA SER A 185 -8.47 3.65 -5.86
C SER A 185 -7.90 2.42 -6.61
N SER A 186 -8.77 1.48 -6.98
CA SER A 186 -8.46 0.32 -7.74
C SER A 186 -7.90 0.71 -9.11
N TYR A 187 -8.62 1.57 -9.80
CA TYR A 187 -8.22 2.02 -11.11
C TYR A 187 -6.83 2.70 -11.04
N GLN A 188 -6.63 3.62 -10.12
CA GLN A 188 -5.35 4.36 -10.02
C GLN A 188 -4.20 3.36 -9.81
N THR A 189 -4.46 2.35 -8.96
CA THR A 189 -3.45 1.37 -8.59
C THR A 189 -3.12 0.51 -9.83
N GLU A 190 -4.15 0.05 -10.55
CA GLU A 190 -3.98 -0.79 -11.75
C GLU A 190 -3.17 -0.06 -12.84
N ILE A 191 -3.49 1.20 -13.03
CA ILE A 191 -2.83 2.13 -13.96
C ILE A 191 -1.36 2.29 -13.57
N GLY A 192 -1.09 2.46 -12.29
CA GLY A 192 0.29 2.58 -11.82
C GLY A 192 1.05 1.27 -12.01
N GLN A 193 0.34 0.18 -11.78
CA GLN A 193 0.94 -1.09 -12.03
C GLN A 193 1.31 -1.22 -13.53
N THR A 194 0.42 -0.81 -14.45
CA THR A 194 0.67 -0.88 -15.89
C THR A 194 1.96 -0.10 -16.17
N LEU A 195 2.02 1.10 -15.61
CA LEU A 195 3.16 1.94 -15.91
C LEU A 195 4.43 1.26 -15.39
N ASP A 196 4.34 0.54 -14.26
CA ASP A 196 5.52 -0.08 -13.67
C ASP A 196 6.03 -1.21 -14.57
N LEU A 197 5.11 -2.07 -14.99
CA LEU A 197 5.34 -3.15 -15.91
C LEU A 197 5.95 -2.65 -17.22
N LEU A 198 5.40 -1.60 -17.81
CA LEU A 198 6.08 -1.04 -19.02
C LEU A 198 7.50 -0.57 -18.69
N THR A 199 7.70 -0.01 -17.49
CA THR A 199 8.94 0.74 -17.18
C THR A 199 10.04 -0.28 -16.86
N ALA A 200 9.68 -1.42 -16.27
CA ALA A 200 10.65 -2.34 -15.70
C ALA A 200 10.42 -3.78 -16.17
N PRO A 201 10.39 -4.09 -17.48
CA PRO A 201 10.32 -5.49 -17.92
C PRO A 201 11.46 -6.41 -17.39
N GLN A 202 11.13 -7.31 -16.42
CA GLN A 202 12.01 -8.47 -16.07
C GLN A 202 12.66 -8.97 -17.36
N GLY A 203 14.00 -8.94 -17.41
CA GLY A 203 14.80 -9.54 -18.53
C GLY A 203 15.09 -8.53 -19.63
N ASN A 204 15.06 -7.25 -19.22
CA ASN A 204 15.22 -6.13 -20.13
C ASN A 204 15.93 -5.00 -19.36
N VAL A 205 17.27 -5.02 -19.49
CA VAL A 205 18.15 -3.98 -19.04
C VAL A 205 17.80 -2.71 -19.81
N ASP A 206 17.06 -1.79 -19.18
CA ASP A 206 16.79 -0.50 -19.82
C ASP A 206 16.60 0.59 -18.75
N LEU A 207 17.73 1.25 -18.51
CA LEU A 207 17.97 2.27 -17.55
C LEU A 207 17.40 3.61 -18.08
N VAL A 208 17.13 3.66 -19.39
CA VAL A 208 16.68 4.88 -20.06
C VAL A 208 15.20 5.12 -19.68
N ARG A 209 14.50 4.05 -19.24
CA ARG A 209 13.13 4.22 -18.84
C ARG A 209 13.04 4.89 -17.44
N PHE A 210 14.17 4.90 -16.70
CA PHE A 210 14.20 5.08 -15.20
C PHE A 210 14.50 6.54 -14.84
N THR A 211 13.53 7.41 -15.08
CA THR A 211 13.65 8.82 -14.80
C THR A 211 12.89 9.13 -13.52
N GLU A 212 13.29 10.26 -12.94
CA GLU A 212 12.67 10.81 -11.79
C GLU A 212 11.16 11.02 -12.01
N LYS A 213 10.78 11.64 -13.15
CA LYS A 213 9.40 12.00 -13.46
C LYS A 213 8.58 10.68 -13.47
N ARG A 214 9.14 9.66 -14.14
CA ARG A 214 8.49 8.35 -14.31
C ARG A 214 8.41 7.66 -12.94
N TYR A 215 9.45 7.79 -12.12
CA TYR A 215 9.43 7.18 -10.78
C TYR A 215 8.33 7.80 -9.90
N LYS A 216 8.24 9.14 -9.92
CA LYS A 216 7.20 9.83 -9.14
C LYS A 216 5.80 9.40 -9.58
N SER A 217 5.64 9.28 -10.90
CA SER A 217 4.39 8.93 -11.50
C SER A 217 3.97 7.51 -11.07
N ILE A 218 4.88 6.54 -11.16
CA ILE A 218 4.60 5.14 -10.70
C ILE A 218 4.17 5.14 -9.24
N VAL A 219 4.95 5.82 -8.38
CA VAL A 219 4.68 5.76 -6.92
C VAL A 219 3.29 6.38 -6.62
N LYS A 220 3.02 7.53 -7.25
CA LYS A 220 1.76 8.21 -7.00
C LYS A 220 0.55 7.30 -7.30
N TYR A 221 0.53 6.64 -8.47
CA TYR A 221 -0.62 5.83 -8.89
C TYR A 221 -0.64 4.47 -8.18
N LYS A 222 0.53 3.81 -8.13
CA LYS A 222 0.62 2.40 -7.74
C LYS A 222 0.50 2.24 -6.23
N THR A 223 0.97 3.23 -5.46
CA THR A 223 1.16 3.10 -4.00
C THR A 223 0.43 4.18 -3.17
N ALA A 224 0.72 5.45 -3.49
CA ALA A 224 0.35 6.58 -2.70
C ALA A 224 -1.18 6.76 -2.61
N PHE A 225 -1.92 6.65 -3.73
N PHE A 225 -1.89 6.60 -3.74
CA PHE A 225 -3.37 6.92 -3.69
CA PHE A 225 -3.32 6.90 -3.77
C PHE A 225 -3.97 5.91 -2.69
C PHE A 225 -4.04 5.92 -2.82
N TYR A 226 -3.79 4.62 -2.93
CA TYR A 226 -4.56 3.64 -2.07
C TYR A 226 -3.99 3.48 -0.65
N SER A 227 -2.68 3.78 -0.44
CA SER A 227 -2.05 3.48 0.85
C SER A 227 -2.29 4.63 1.82
N PHE A 228 -2.29 5.88 1.31
CA PHE A 228 -2.36 7.12 2.13
C PHE A 228 -3.65 7.90 1.84
N TYR A 229 -4.05 8.11 0.56
CA TYR A 229 -5.23 8.94 0.33
C TYR A 229 -6.49 8.13 0.69
N LEU A 230 -6.61 6.93 0.15
CA LEU A 230 -7.84 6.10 0.31
C LEU A 230 -8.29 6.08 1.78
N PRO A 231 -7.49 5.66 2.79
CA PRO A 231 -8.09 5.41 4.10
C PRO A 231 -8.56 6.69 4.85
N ILE A 232 -7.85 7.81 4.70
CA ILE A 232 -8.24 9.07 5.29
C ILE A 232 -9.52 9.55 4.60
N ALA A 233 -9.57 9.44 3.26
CA ALA A 233 -10.71 9.88 2.43
C ALA A 233 -11.94 9.11 2.87
N ALA A 234 -11.77 7.80 3.09
CA ALA A 234 -12.88 6.97 3.56
C ALA A 234 -13.40 7.53 4.88
N ALA A 235 -12.48 7.85 5.79
CA ALA A 235 -12.87 8.31 7.12
C ALA A 235 -13.57 9.66 6.99
N MET A 236 -13.05 10.56 6.15
CA MET A 236 -13.63 11.83 5.86
C MET A 236 -15.09 11.69 5.41
N TYR A 237 -15.38 10.76 4.48
CA TYR A 237 -16.72 10.60 3.95
C TYR A 237 -17.64 10.07 5.02
N MET A 238 -17.10 9.15 5.81
CA MET A 238 -17.89 8.59 6.88
C MET A 238 -18.22 9.69 7.91
N ALA A 239 -17.35 10.71 7.99
CA ALA A 239 -17.55 11.76 8.95
C ALA A 239 -18.48 12.87 8.39
N GLY A 240 -19.01 12.76 7.17
CA GLY A 240 -19.80 13.82 6.56
C GLY A 240 -18.96 14.87 5.85
N ILE A 241 -17.64 14.69 5.75
CA ILE A 241 -16.76 15.64 5.04
C ILE A 241 -16.56 15.16 3.60
N ASP A 242 -17.41 15.66 2.72
CA ASP A 242 -17.49 15.19 1.36
C ASP A 242 -17.06 16.28 0.37
N GLY A 243 -16.74 17.48 0.84
CA GLY A 243 -16.30 18.59 0.03
C GLY A 243 -15.13 18.24 -0.87
N GLU A 244 -15.29 18.61 -2.14
CA GLU A 244 -14.25 18.50 -3.17
C GLU A 244 -12.91 19.14 -2.72
N LYS A 245 -12.95 20.36 -2.20
CA LYS A 245 -11.77 21.13 -1.84
C LYS A 245 -11.05 20.48 -0.65
N GLU A 246 -11.81 20.07 0.39
CA GLU A 246 -11.28 19.43 1.59
C GLU A 246 -10.57 18.15 1.13
N HIS A 247 -11.22 17.37 0.28
CA HIS A 247 -10.59 16.15 -0.22
C HIS A 247 -9.32 16.52 -0.99
N ALA A 248 -9.37 17.55 -1.81
CA ALA A 248 -8.16 17.90 -2.59
C ALA A 248 -7.02 18.31 -1.64
N ASN A 249 -7.35 19.05 -0.59
CA ASN A 249 -6.35 19.50 0.42
C ASN A 249 -5.72 18.28 1.11
N ALA A 250 -6.54 17.36 1.60
CA ALA A 250 -6.04 16.20 2.26
C ALA A 250 -5.13 15.41 1.28
N LYS A 251 -5.57 15.30 0.01
CA LYS A 251 -4.83 14.53 -1.00
C LYS A 251 -3.42 15.09 -1.18
N LYS A 252 -3.26 16.41 -1.18
CA LYS A 252 -1.98 16.99 -1.49
C LYS A 252 -0.95 16.58 -0.41
N ILE A 253 -1.41 16.52 0.85
CA ILE A 253 -0.54 16.14 1.96
C ILE A 253 -0.22 14.65 1.77
N LEU A 254 -1.29 13.86 1.56
CA LEU A 254 -1.24 12.40 1.67
C LEU A 254 -0.46 11.76 0.48
N LEU A 255 -0.58 12.32 -0.73
CA LEU A 255 0.20 11.80 -1.84
C LEU A 255 1.67 12.07 -1.57
N GLU A 256 1.97 13.22 -0.93
CA GLU A 256 3.37 13.53 -0.68
C GLU A 256 3.95 12.58 0.39
N MET A 257 3.15 12.20 1.39
CA MET A 257 3.63 11.25 2.38
C MET A 257 3.88 9.90 1.67
N GLY A 258 3.00 9.59 0.72
CA GLY A 258 3.06 8.32 -0.04
C GLY A 258 4.36 8.20 -0.80
N GLU A 259 4.80 9.32 -1.36
CA GLU A 259 5.99 9.39 -2.12
C GLU A 259 7.17 9.11 -1.20
N PHE A 260 7.24 9.80 -0.05
CA PHE A 260 8.34 9.58 0.87
C PHE A 260 8.33 8.11 1.36
N PHE A 261 7.14 7.58 1.66
CA PHE A 261 7.06 6.22 2.17
C PHE A 261 7.79 5.29 1.19
N GLN A 262 7.48 5.41 -0.10
CA GLN A 262 8.03 4.49 -1.07
C GLN A 262 9.54 4.68 -1.21
N ILE A 263 9.97 5.96 -1.22
CA ILE A 263 11.38 6.25 -1.35
C ILE A 263 12.16 5.63 -0.19
N GLN A 264 11.64 5.74 1.02
CA GLN A 264 12.32 5.14 2.17
C GLN A 264 12.28 3.62 2.01
N ASP A 265 11.18 3.11 1.44
CA ASP A 265 10.99 1.67 1.26
C ASP A 265 12.11 1.13 0.34
N ASP A 266 12.38 1.84 -0.75
CA ASP A 266 13.49 1.57 -1.72
C ASP A 266 14.87 1.67 -1.08
N TYR A 267 15.07 2.65 -0.20
CA TYR A 267 16.34 2.78 0.49
C TYR A 267 16.57 1.58 1.43
N LEU A 268 15.51 1.15 2.14
CA LEU A 268 15.68 0.12 3.19
C LEU A 268 15.83 -1.27 2.56
N ASP A 269 15.25 -1.46 1.37
CA ASP A 269 15.39 -2.68 0.59
C ASP A 269 16.88 -3.08 0.51
N LEU A 270 17.78 -2.10 0.33
CA LEU A 270 19.19 -2.32 0.11
C LEU A 270 20.05 -1.94 1.32
N PHE A 271 19.62 -1.00 2.18
CA PHE A 271 20.49 -0.48 3.27
C PHE A 271 19.87 -0.69 4.65
N GLY A 272 18.62 -1.15 4.68
CA GLY A 272 17.92 -1.42 5.91
C GLY A 272 18.50 -2.67 6.54
N ASP A 273 19.02 -2.52 7.77
CA ASP A 273 19.29 -3.65 8.61
C ASP A 273 18.14 -4.65 8.42
N PRO A 274 18.42 -5.90 7.98
CA PRO A 274 17.37 -6.85 7.60
C PRO A 274 16.63 -7.55 8.75
N SER A 275 17.21 -7.51 9.96
CA SER A 275 16.52 -8.00 11.16
C SER A 275 15.57 -6.92 11.73
N VAL A 276 15.68 -5.67 11.22
CA VAL A 276 14.88 -4.52 11.71
C VAL A 276 13.65 -4.31 10.80
N THR A 277 13.77 -4.69 9.52
CA THR A 277 12.73 -4.48 8.48
C THR A 277 11.79 -5.68 8.35
N GLY A 278 12.34 -6.90 8.54
CA GLY A 278 11.71 -8.16 8.13
C GLY A 278 12.49 -8.81 7.00
N LYS A 279 12.62 -8.05 5.90
CA LYS A 279 13.02 -8.56 4.59
C LYS A 279 14.54 -8.37 4.33
N ILE A 280 14.99 -9.02 3.25
CA ILE A 280 16.21 -8.74 2.51
C ILE A 280 15.76 -8.38 1.10
N GLY A 281 16.50 -7.48 0.43
CA GLY A 281 15.97 -6.80 -0.78
C GLY A 281 16.41 -7.47 -2.07
N THR A 282 15.56 -7.39 -3.09
CA THR A 282 15.92 -7.88 -4.39
C THR A 282 15.57 -6.84 -5.46
N ASP A 283 15.51 -5.56 -5.11
CA ASP A 283 15.22 -4.53 -6.09
C ASP A 283 16.22 -4.54 -7.29
N ILE A 284 17.51 -4.61 -7.02
CA ILE A 284 18.53 -4.54 -8.10
C ILE A 284 18.36 -5.73 -9.08
N GLN A 285 18.37 -6.97 -8.53
CA GLN A 285 18.07 -8.25 -9.28
C GLN A 285 16.88 -8.03 -10.23
N ASP A 286 15.84 -7.37 -9.70
CA ASP A 286 14.52 -7.50 -10.24
C ASP A 286 14.30 -6.45 -11.34
N ASN A 287 15.35 -5.67 -11.67
CA ASN A 287 15.32 -4.60 -12.68
C ASN A 287 14.30 -3.55 -12.22
N LYS A 288 14.19 -3.32 -10.89
CA LYS A 288 13.16 -2.41 -10.37
C LYS A 288 13.55 -0.96 -10.63
N CYS A 289 12.52 -0.14 -10.85
CA CYS A 289 12.68 1.27 -10.98
C CYS A 289 12.62 1.84 -9.58
N SER A 290 13.68 1.58 -8.80
CA SER A 290 13.84 1.98 -7.42
C SER A 290 14.31 3.43 -7.37
N TRP A 291 14.04 4.09 -6.23
CA TRP A 291 14.51 5.45 -6.00
C TRP A 291 16.04 5.48 -6.17
N LEU A 292 16.71 4.45 -5.68
CA LEU A 292 18.18 4.39 -5.70
C LEU A 292 18.72 4.44 -7.13
N VAL A 293 18.19 3.56 -8.00
CA VAL A 293 18.76 3.47 -9.36
C VAL A 293 18.53 4.84 -10.02
N VAL A 294 17.35 5.44 -9.78
CA VAL A 294 17.04 6.73 -10.41
C VAL A 294 18.12 7.75 -10.01
N GLN A 295 18.42 7.79 -8.70
CA GLN A 295 19.38 8.78 -8.20
C GLN A 295 20.76 8.46 -8.74
N CYS A 296 21.14 7.18 -8.65
CA CYS A 296 22.40 6.72 -9.17
C CYS A 296 22.58 7.20 -10.62
N LEU A 297 21.52 7.07 -11.43
CA LEU A 297 21.60 7.44 -12.84
C LEU A 297 21.70 8.96 -13.01
N GLN A 298 21.19 9.79 -12.08
CA GLN A 298 21.38 11.26 -12.22
C GLN A 298 22.83 11.68 -11.91
N ARG A 299 23.57 10.81 -11.22
CA ARG A 299 24.88 11.11 -10.63
C ARG A 299 26.03 10.40 -11.37
N ALA A 300 25.73 9.35 -12.13
CA ALA A 300 26.74 8.43 -12.69
C ALA A 300 27.50 9.09 -13.86
N THR A 301 28.81 8.83 -13.93
CA THR A 301 29.61 9.15 -15.12
C THR A 301 29.25 8.13 -16.20
N PRO A 302 29.73 8.33 -17.45
CA PRO A 302 29.55 7.33 -18.51
C PRO A 302 30.04 5.92 -18.12
N GLU A 303 31.09 5.91 -17.29
CA GLU A 303 31.77 4.68 -16.88
C GLU A 303 30.89 3.94 -15.89
N GLN A 304 30.26 4.72 -15.00
CA GLN A 304 29.44 4.19 -13.94
C GLN A 304 28.13 3.64 -14.53
N TYR A 305 27.54 4.42 -15.47
CA TYR A 305 26.40 4.00 -16.31
C TYR A 305 26.63 2.56 -16.83
N GLN A 306 27.86 2.28 -17.31
CA GLN A 306 28.20 0.97 -17.87
C GLN A 306 28.29 -0.11 -16.77
N ILE A 307 28.78 0.24 -15.56
CA ILE A 307 28.86 -0.76 -14.49
C ILE A 307 27.42 -1.13 -14.07
N LEU A 308 26.56 -0.13 -14.13
CA LEU A 308 25.16 -0.32 -13.78
C LEU A 308 24.50 -1.15 -14.87
N LYS A 309 24.74 -0.72 -16.12
CA LYS A 309 24.18 -1.34 -17.32
C LYS A 309 24.60 -2.82 -17.41
N GLU A 310 25.84 -3.14 -17.02
CA GLU A 310 26.36 -4.54 -17.06
C GLU A 310 25.77 -5.38 -15.91
N ASN A 311 25.30 -4.76 -14.81
CA ASN A 311 25.15 -5.44 -13.50
C ASN A 311 23.71 -5.36 -12.95
N TYR A 312 22.98 -4.33 -13.36
CA TYR A 312 21.66 -4.13 -12.84
C TYR A 312 20.75 -5.20 -13.42
N GLY A 313 19.84 -5.71 -12.60
CA GLY A 313 18.79 -6.57 -13.09
C GLY A 313 19.32 -7.95 -13.43
N GLN A 314 20.47 -8.31 -12.81
CA GLN A 314 21.03 -9.67 -12.88
C GLN A 314 21.00 -10.24 -11.46
N LYS A 315 20.93 -11.58 -11.35
CA LYS A 315 20.81 -12.29 -10.06
C LYS A 315 22.19 -12.72 -9.53
N GLU A 316 23.26 -12.34 -10.24
CA GLU A 316 24.62 -12.72 -9.84
C GLU A 316 24.97 -11.90 -8.59
N ALA A 317 25.17 -12.59 -7.45
CA ALA A 317 25.55 -12.00 -6.15
C ALA A 317 26.65 -10.94 -6.32
N GLU A 318 27.66 -11.26 -7.13
CA GLU A 318 28.84 -10.39 -7.44
C GLU A 318 28.37 -9.15 -8.22
N LYS A 319 27.40 -9.35 -9.13
CA LYS A 319 26.86 -8.25 -9.95
C LYS A 319 25.99 -7.32 -9.05
N VAL A 320 25.38 -7.88 -8.01
CA VAL A 320 24.61 -7.11 -7.05
C VAL A 320 25.55 -6.38 -6.07
N ALA A 321 26.68 -7.01 -5.75
CA ALA A 321 27.71 -6.39 -4.92
C ALA A 321 28.19 -5.06 -5.54
N ARG A 322 28.41 -5.09 -6.87
CA ARG A 322 29.10 -4.01 -7.57
C ARG A 322 28.13 -2.85 -7.84
N VAL A 323 26.82 -3.10 -7.76
CA VAL A 323 25.81 -2.04 -7.83
C VAL A 323 25.79 -1.35 -6.45
N LYS A 324 25.60 -2.15 -5.38
CA LYS A 324 25.58 -1.62 -4.03
C LYS A 324 26.80 -0.71 -3.83
N ALA A 325 27.95 -1.21 -4.23
CA ALA A 325 29.22 -0.51 -4.12
C ALA A 325 29.19 0.81 -4.91
N LEU A 326 28.56 0.81 -6.09
CA LEU A 326 28.47 2.04 -6.88
C LEU A 326 27.62 3.09 -6.13
N TYR A 327 26.47 2.62 -5.62
CA TYR A 327 25.55 3.43 -4.84
C TYR A 327 26.30 4.06 -3.65
N GLU A 328 27.13 3.24 -2.99
CA GLU A 328 27.88 3.66 -1.82
C GLU A 328 28.90 4.71 -2.23
N GLU A 329 29.70 4.43 -3.27
CA GLU A 329 30.74 5.37 -3.72
C GLU A 329 30.08 6.73 -4.03
N LEU A 330 28.82 6.73 -4.50
CA LEU A 330 28.11 7.97 -4.89
C LEU A 330 27.39 8.65 -3.70
N ASP A 331 27.53 8.06 -2.51
CA ASP A 331 26.99 8.58 -1.22
C ASP A 331 25.47 8.64 -1.28
N LEU A 332 24.85 7.58 -1.80
CA LEU A 332 23.41 7.63 -1.91
C LEU A 332 22.79 7.59 -0.51
N PRO A 333 23.37 6.89 0.49
CA PRO A 333 22.85 6.97 1.87
C PRO A 333 22.80 8.40 2.43
N ALA A 334 23.82 9.19 2.13
CA ALA A 334 23.86 10.59 2.50
C ALA A 334 22.76 11.33 1.74
N VAL A 335 22.62 11.07 0.44
CA VAL A 335 21.60 11.75 -0.38
C VAL A 335 20.20 11.48 0.18
N PHE A 336 19.98 10.24 0.63
CA PHE A 336 18.75 9.85 1.21
C PHE A 336 18.46 10.63 2.49
N LEU A 337 19.45 10.71 3.38
CA LEU A 337 19.24 11.33 4.68
C LEU A 337 18.87 12.81 4.47
N GLN A 338 19.60 13.47 3.56
CA GLN A 338 19.28 14.82 3.16
C GLN A 338 17.83 14.88 2.64
N TYR A 339 17.43 13.87 1.86
CA TYR A 339 16.09 13.85 1.25
C TYR A 339 15.04 13.71 2.36
N GLU A 340 15.30 12.80 3.34
CA GLU A 340 14.37 12.56 4.45
C GLU A 340 14.18 13.83 5.30
N GLU A 341 15.24 14.62 5.48
CA GLU A 341 15.13 15.85 6.27
C GLU A 341 14.25 16.86 5.54
N ASP A 342 14.60 17.07 4.26
CA ASP A 342 13.92 18.02 3.39
C ASP A 342 12.45 17.66 3.30
N SER A 343 12.17 16.36 3.21
CA SER A 343 10.85 15.79 3.05
C SER A 343 10.02 16.01 4.32
N TYR A 344 10.67 15.87 5.46
CA TYR A 344 10.03 16.13 6.73
C TYR A 344 9.59 17.61 6.84
N SER A 345 10.49 18.59 6.57
CA SER A 345 10.05 20.00 6.57
C SER A 345 8.92 20.22 5.56
N HIS A 346 9.00 19.59 4.38
CA HIS A 346 8.00 19.83 3.33
C HIS A 346 6.64 19.30 3.82
N ILE A 347 6.65 18.15 4.49
CA ILE A 347 5.43 17.57 4.96
C ILE A 347 4.81 18.46 6.04
N MET A 348 5.63 18.96 6.97
CA MET A 348 5.12 19.79 8.06
C MET A 348 4.55 21.09 7.45
N ALA A 349 5.20 21.65 6.42
CA ALA A 349 4.68 22.83 5.72
C ALA A 349 3.31 22.54 5.08
N LEU A 350 3.20 21.40 4.41
CA LEU A 350 1.95 21.04 3.76
C LEU A 350 0.84 20.88 4.80
N ILE A 351 1.15 20.26 5.95
CA ILE A 351 0.17 20.06 6.98
C ILE A 351 -0.30 21.41 7.51
N GLU A 352 0.67 22.31 7.72
CA GLU A 352 0.40 23.67 8.19
C GLU A 352 -0.58 24.31 7.22
N GLN A 353 -0.31 24.19 5.93
CA GLN A 353 -1.05 24.90 4.93
C GLN A 353 -2.39 24.24 4.60
N TYR A 354 -2.51 22.90 4.62
CA TYR A 354 -3.66 22.24 3.98
C TYR A 354 -4.47 21.36 4.94
N ALA A 355 -4.12 21.30 6.22
CA ALA A 355 -4.79 20.35 7.09
C ALA A 355 -6.20 20.84 7.47
N ALA A 356 -6.28 22.11 7.91
CA ALA A 356 -7.54 22.80 8.31
C ALA A 356 -8.59 22.65 7.22
N PRO A 357 -9.83 22.32 7.60
CA PRO A 357 -10.28 22.34 8.99
C PRO A 357 -10.23 20.95 9.66
N LEU A 358 -9.50 19.98 9.10
CA LEU A 358 -9.28 18.74 9.82
C LEU A 358 -8.23 19.00 10.92
N PRO A 359 -8.28 18.26 12.05
CA PRO A 359 -7.25 18.38 13.08
C PRO A 359 -5.89 17.91 12.53
N PRO A 360 -4.83 18.72 12.67
CA PRO A 360 -3.50 18.33 12.19
C PRO A 360 -3.03 16.98 12.70
N ALA A 361 -3.50 16.59 13.88
CA ALA A 361 -3.27 15.27 14.44
C ALA A 361 -3.59 14.11 13.46
N VAL A 362 -4.56 14.30 12.59
CA VAL A 362 -4.94 13.27 11.57
C VAL A 362 -3.72 12.94 10.73
N PHE A 363 -3.01 13.99 10.30
CA PHE A 363 -1.86 13.87 9.45
C PHE A 363 -0.61 13.57 10.30
N LEU A 364 -0.51 14.14 11.50
CA LEU A 364 0.73 13.97 12.27
C LEU A 364 0.86 12.52 12.75
N GLY A 365 -0.25 11.84 13.01
CA GLY A 365 -0.19 10.45 13.41
C GLY A 365 0.48 9.60 12.33
N LEU A 366 0.18 9.92 11.05
CA LEU A 366 0.77 9.18 9.88
C LEU A 366 2.26 9.54 9.77
N ALA A 367 2.58 10.84 9.79
CA ALA A 367 3.99 11.29 9.72
C ALA A 367 4.85 10.58 10.79
N ARG A 368 4.26 10.37 11.97
CA ARG A 368 4.98 9.74 13.04
C ARG A 368 5.36 8.30 12.65
N LYS A 369 4.49 7.57 11.97
CA LYS A 369 4.74 6.17 11.70
C LYS A 369 5.73 5.96 10.54
N ILE A 370 5.96 6.96 9.71
CA ILE A 370 6.81 6.77 8.54
C ILE A 370 8.10 7.59 8.65
N TYR A 371 8.15 8.65 9.47
CA TYR A 371 9.41 9.38 9.58
C TYR A 371 10.19 8.95 10.84
N LYS A 372 9.82 7.84 11.49
CA LYS A 372 10.81 7.05 12.30
C LYS A 372 12.15 6.96 11.54
CAP YL6 B . 1.87 3.35 7.19
CAQ YL6 B . 0.84 4.29 7.13
CL YL6 B . 0.79 5.62 8.33
CAR YL6 B . -0.12 4.24 6.13
CAW YL6 B . -1.15 5.18 6.06
CAS YL6 B . -0.08 3.25 5.20
CAT YL6 B . 0.94 2.32 5.24
CAO YL6 B . 1.91 2.32 6.24
CAM YL6 B . 2.85 1.36 6.18
SAN YL6 B . 2.80 0.12 4.99
CAL YL6 B . 3.94 1.18 6.96
C5 YL6 B . 4.71 0.09 6.62
C6 YL6 B . 4.25 -0.61 5.52
N1 YL6 B . 4.88 -1.70 5.00
C2 YL6 B . 6.07 -2.17 5.63
N3 YL6 B . 6.55 -1.45 6.73
C4 YL6 B . 5.87 -0.35 7.19
NAB YL6 B . 6.35 0.32 8.23
CAC YL6 B . 7.73 0.07 8.70
PAA YL6 B . 7.61 -0.54 10.38
OAD YL6 B . 6.39 -1.67 10.24
OAU YL6 B . 7.13 0.80 11.31
OAE YL6 B . 8.91 -1.15 10.77
CAV YL6 B . 8.63 1.33 8.65
CAX YL6 B . 8.73 1.73 7.31
CAY YL6 B . 8.46 3.05 6.99
CAZ YL6 B . 8.52 3.49 5.68
FBD YL6 B . 8.25 4.83 5.42
CBA YL6 B . 8.85 2.61 4.64
CBB YL6 B . 9.09 1.27 4.96
CBC YL6 B . 9.03 0.82 6.29
P PO4 C . 0.82 -3.06 6.47
O1 PO4 C . 0.18 -3.35 7.80
O2 PO4 C . 1.15 -4.42 5.78
O3 PO4 C . 1.95 -2.11 6.79
O4 PO4 C . -0.21 -2.27 5.68
CL CL D . -6.15 12.20 -8.08
CL CL E . -27.37 3.47 13.26
#